data_8EJR
#
_entry.id   8EJR
#
_cell.length_a   162.806
_cell.length_b   68.909
_cell.length_c   77.586
_cell.angle_alpha   90.000
_cell.angle_beta   117.658
_cell.angle_gamma   90.000
#
_symmetry.space_group_name_H-M   'C 1 2 1'
#
loop_
_entity.id
_entity.type
_entity.pdbx_description
1 polymer 'Kelch-like ECH-associated protein 1'
2 polymer 'Linear peptide from Nuclear factor erythroid 2-related factor 2'
3 water water
#
loop_
_entity_poly.entity_id
_entity_poly.type
_entity_poly.pdbx_seq_one_letter_code
_entity_poly.pdbx_strand_id
1 'polypeptide(L)'
;MGSSHHHHHHSSGGENLYFQGHMKPTQVMPSRAPKVGRLIYTAGGYFRQSLSYLEAYNPSDGTWLRLADLQVPRSGLAGC
VVGGLLYAVGGRNNSPDGNTDSSALDCYNPMTNQWSPCAPMSVPRNRIGVGVIDGHIYAVGGSHGCIHHNSVERYEPERD
EWHLVAPMLTRRIGVGVAVLNRLLYAVGGFDGTNRLNSAECYYPERNEWRMITAMNTIRSGAGVCVLHNCIYAAGGYDGQ
DQLNSVERYDVATATWTFVAPMKHRRSALGITVHQGRIYVLGGYDGHTFLDSVECYDPDTDTWSEVTRMTSGRSGVGVAV
TMEPSRKQIDQQNSTS
;
A,B
2 'polypeptide(L)' (ACE)GDPETGE(NH2) C
#
# COMPACT_ATOMS: atom_id res chain seq x y z
N LEU A 39 -21.49 25.38 14.32
CA LEU A 39 -21.11 25.79 12.98
C LEU A 39 -19.97 24.92 12.44
N ILE A 40 -19.87 24.85 11.12
CA ILE A 40 -18.79 24.14 10.46
C ILE A 40 -17.77 25.18 10.02
N TYR A 41 -16.65 25.25 10.73
CA TYR A 41 -15.59 26.21 10.45
C TYR A 41 -14.61 25.62 9.43
N THR A 42 -14.25 26.42 8.44
CA THR A 42 -13.20 26.10 7.48
C THR A 42 -12.17 27.22 7.50
N ALA A 43 -10.91 26.85 7.71
CA ALA A 43 -9.80 27.78 7.81
C ALA A 43 -8.78 27.49 6.72
N GLY A 44 -8.22 28.55 6.15
CA GLY A 44 -7.14 28.43 5.19
C GLY A 44 -7.59 27.77 3.89
N GLY A 45 -6.66 27.07 3.25
CA GLY A 45 -6.92 26.45 1.97
C GLY A 45 -6.07 27.06 0.87
N TYR A 46 -6.29 26.57 -0.34
CA TYR A 46 -5.50 27.01 -1.48
C TYR A 46 -6.31 27.29 -2.74
N PHE A 47 -5.98 28.41 -3.40
CA PHE A 47 -6.62 28.84 -4.63
C PHE A 47 -5.60 29.78 -5.28
N ARG A 48 -4.50 29.16 -5.74
CA ARG A 48 -3.31 29.77 -6.38
C ARG A 48 -2.35 30.51 -5.43
N GLN A 49 -2.67 30.49 -4.14
CA GLN A 49 -1.90 31.11 -3.06
C GLN A 49 -2.55 30.68 -1.75
N SER A 50 -1.76 30.56 -0.69
CA SER A 50 -2.29 30.16 0.61
C SER A 50 -3.37 31.17 1.02
N LEU A 51 -4.53 30.67 1.46
CA LEU A 51 -5.60 31.59 1.83
C LEU A 51 -5.65 31.78 3.34
N SER A 52 -6.22 32.92 3.74
CA SER A 52 -6.39 33.27 5.15
C SER A 52 -7.83 33.18 5.62
N TYR A 53 -8.75 32.72 4.78
CA TYR A 53 -10.16 32.73 5.14
C TYR A 53 -10.44 31.89 6.37
N LEU A 54 -11.29 32.41 7.25
CA LEU A 54 -11.97 31.61 8.26
C LEU A 54 -13.46 31.88 8.08
N GLU A 55 -14.20 30.87 7.61
CA GLU A 55 -15.63 31.02 7.42
C GLU A 55 -16.36 29.87 8.09
N ALA A 56 -17.56 30.14 8.59
CA ALA A 56 -18.35 29.16 9.31
C ALA A 56 -19.70 28.96 8.63
N TYR A 57 -20.07 27.71 8.39
CA TYR A 57 -21.30 27.35 7.70
C TYR A 57 -22.34 26.88 8.70
N ASN A 58 -23.57 27.34 8.49
CA ASN A 58 -24.70 27.01 9.35
C ASN A 58 -25.62 26.08 8.56
N PRO A 59 -25.64 24.78 8.88
CA PRO A 59 -26.43 23.84 8.07
C PRO A 59 -27.94 24.06 8.17
N SER A 60 -28.42 24.77 9.19
CA SER A 60 -29.82 25.18 9.27
C SER A 60 -30.10 26.46 8.51
N ASP A 61 -29.28 27.49 8.75
CA ASP A 61 -29.45 28.79 8.10
C ASP A 61 -29.06 28.75 6.63
N GLY A 62 -28.11 27.88 6.28
CA GLY A 62 -27.51 27.92 4.98
C GLY A 62 -26.49 29.02 4.80
N THR A 63 -26.20 29.82 5.83
CA THR A 63 -25.32 30.97 5.65
C THR A 63 -23.87 30.59 5.87
N TRP A 64 -22.99 31.39 5.27
CA TRP A 64 -21.57 31.38 5.57
C TRP A 64 -21.29 32.66 6.35
N LEU A 65 -20.40 32.57 7.31
CA LEU A 65 -20.07 33.68 8.19
C LEU A 65 -18.58 33.96 8.04
N ARG A 66 -18.25 35.16 7.59
CA ARG A 66 -16.84 35.55 7.48
C ARG A 66 -16.34 36.00 8.83
N LEU A 67 -15.25 35.41 9.28
CA LEU A 67 -14.70 35.65 10.60
C LEU A 67 -13.27 36.18 10.46
N ALA A 68 -12.57 36.29 11.59
CA ALA A 68 -11.23 36.85 11.59
C ALA A 68 -10.28 36.02 10.73
N ASP A 69 -9.51 36.70 9.88
CA ASP A 69 -8.52 36.04 9.03
C ASP A 69 -7.45 35.37 9.89
N LEU A 70 -6.95 34.23 9.38
CA LEU A 70 -5.72 33.65 9.92
C LEU A 70 -4.61 34.70 9.89
N GLN A 71 -3.69 34.60 10.85
CA GLN A 71 -2.58 35.53 10.88
C GLN A 71 -1.67 35.34 9.66
N VAL A 72 -1.50 34.09 9.23
CA VAL A 72 -0.71 33.77 8.04
C VAL A 72 -1.54 32.91 7.10
N PRO A 73 -1.59 33.21 5.80
CA PRO A 73 -2.30 32.32 4.87
C PRO A 73 -1.66 30.95 4.88
N ARG A 74 -2.50 29.91 4.84
CA ARG A 74 -2.00 28.55 4.95
C ARG A 74 -2.89 27.61 4.17
N SER A 75 -2.27 26.65 3.51
CA SER A 75 -2.94 25.52 2.88
C SER A 75 -2.30 24.25 3.37
N GLY A 76 -3.04 23.15 3.25
CA GLY A 76 -2.54 21.88 3.72
C GLY A 76 -2.49 21.75 5.21
N LEU A 77 -3.23 22.59 5.93
CA LEU A 77 -3.29 22.54 7.37
C LEU A 77 -4.41 21.61 7.81
N ALA A 78 -4.49 21.37 9.10
CA ALA A 78 -5.60 20.64 9.68
C ALA A 78 -6.28 21.50 10.73
N GLY A 79 -7.56 21.22 10.96
CA GLY A 79 -8.34 21.90 11.98
C GLY A 79 -8.81 20.89 13.01
N CYS A 80 -8.96 21.36 14.24
CA CYS A 80 -9.55 20.53 15.29
C CYS A 80 -10.10 21.46 16.37
N VAL A 81 -10.81 20.88 17.33
CA VAL A 81 -11.44 21.66 18.40
C VAL A 81 -11.13 21.00 19.73
N VAL A 82 -10.63 21.78 20.68
CA VAL A 82 -10.44 21.32 22.05
C VAL A 82 -10.99 22.39 22.98
N GLY A 83 -11.84 21.98 23.92
CA GLY A 83 -12.43 22.93 24.86
C GLY A 83 -13.13 24.09 24.19
N GLY A 84 -13.85 23.82 23.10
CA GLY A 84 -14.52 24.87 22.36
C GLY A 84 -13.63 25.77 21.52
N LEU A 85 -12.31 25.68 21.68
CA LEU A 85 -11.38 26.50 20.90
C LEU A 85 -11.00 25.78 19.63
N LEU A 86 -10.95 26.52 18.52
CA LEU A 86 -10.64 25.95 17.21
C LEU A 86 -9.15 26.11 16.92
N TYR A 87 -8.46 25.01 16.61
CA TYR A 87 -7.03 25.04 16.35
C TYR A 87 -6.75 24.81 14.87
N ALA A 88 -5.83 25.61 14.34
CA ALA A 88 -5.30 25.48 12.98
C ALA A 88 -3.84 25.05 13.11
N VAL A 89 -3.52 23.90 12.51
CA VAL A 89 -2.27 23.19 12.77
C VAL A 89 -1.54 22.96 11.45
N GLY A 90 -0.26 23.34 11.41
CA GLY A 90 0.64 23.09 10.30
C GLY A 90 0.22 23.80 9.03
N GLY A 91 0.52 23.15 7.91
CA GLY A 91 0.23 23.69 6.60
C GLY A 91 1.43 24.30 5.90
N ARG A 92 1.13 25.17 4.93
CA ARG A 92 2.18 25.81 4.15
C ARG A 92 1.66 27.15 3.64
N ASN A 93 2.55 28.14 3.58
CA ASN A 93 2.25 29.46 3.04
C ASN A 93 2.84 29.53 1.63
N ASN A 94 1.97 29.38 0.63
CA ASN A 94 2.30 29.57 -0.77
C ASN A 94 1.87 30.98 -1.16
N SER A 95 2.83 31.86 -1.37
CA SER A 95 2.57 33.26 -1.68
C SER A 95 3.46 33.66 -2.85
N PRO A 96 3.06 34.68 -3.61
CA PRO A 96 3.95 35.20 -4.66
C PRO A 96 5.30 35.66 -4.14
N ASP A 97 5.46 35.79 -2.82
CA ASP A 97 6.72 36.24 -2.25
C ASP A 97 7.54 35.09 -1.66
N GLY A 98 7.01 33.88 -1.63
CA GLY A 98 7.72 32.78 -1.01
C GLY A 98 6.83 31.59 -0.75
N ASN A 99 7.46 30.49 -0.35
CA ASN A 99 6.76 29.22 -0.15
C ASN A 99 7.37 28.51 1.04
N THR A 100 6.83 28.72 2.23
CA THR A 100 7.40 28.10 3.42
C THR A 100 6.38 27.20 4.12
N ASP A 101 6.76 25.97 4.42
CA ASP A 101 5.94 25.10 5.25
C ASP A 101 5.84 25.65 6.67
N SER A 102 4.75 25.32 7.36
CA SER A 102 4.40 25.96 8.63
C SER A 102 4.43 24.97 9.77
N SER A 103 5.17 25.31 10.83
CA SER A 103 5.11 24.60 12.11
C SER A 103 4.05 25.17 13.05
N ALA A 104 3.22 26.09 12.60
CA ALA A 104 2.48 26.95 13.52
C ALA A 104 1.25 26.26 14.06
N LEU A 105 0.91 26.60 15.30
CA LEU A 105 -0.35 26.22 15.92
C LEU A 105 -1.03 27.51 16.34
N ASP A 106 -2.27 27.71 15.89
CA ASP A 106 -2.98 28.94 16.21
C ASP A 106 -4.38 28.59 16.68
N CYS A 107 -4.87 29.35 17.66
CA CYS A 107 -6.12 29.03 18.34
C CYS A 107 -7.09 30.19 18.15
N TYR A 108 -8.30 29.86 17.71
CA TYR A 108 -9.37 30.82 17.45
C TYR A 108 -10.46 30.65 18.49
N ASN A 109 -10.86 31.77 19.12
CA ASN A 109 -11.92 31.77 20.12
C ASN A 109 -13.19 32.33 19.53
N PRO A 110 -14.25 31.53 19.37
CA PRO A 110 -15.50 32.07 18.79
C PRO A 110 -16.21 33.07 19.69
N MET A 111 -15.81 33.19 20.95
CA MET A 111 -16.47 34.15 21.83
C MET A 111 -15.83 35.53 21.71
N THR A 112 -14.56 35.59 21.31
CA THR A 112 -13.91 36.86 21.02
C THR A 112 -13.68 37.12 19.53
N ASN A 113 -13.92 36.13 18.66
CA ASN A 113 -13.56 36.23 17.24
C ASN A 113 -12.11 36.68 17.06
N GLN A 114 -11.23 36.13 17.88
CA GLN A 114 -9.81 36.46 17.83
C GLN A 114 -8.97 35.19 17.71
N TRP A 115 -7.97 35.25 16.83
CA TRP A 115 -6.88 34.28 16.81
C TRP A 115 -5.78 34.67 17.79
N SER A 116 -5.11 33.66 18.33
CA SER A 116 -3.98 33.81 19.21
C SER A 116 -2.98 32.70 18.88
N PRO A 117 -1.70 33.02 18.78
CA PRO A 117 -0.70 31.99 18.53
C PRO A 117 -0.47 31.12 19.75
N CYS A 118 -0.16 29.86 19.49
CA CYS A 118 0.31 28.92 20.49
C CYS A 118 1.76 28.54 20.20
N ALA A 119 2.31 27.71 21.06
CA ALA A 119 3.66 27.19 20.84
C ALA A 119 3.67 26.37 19.54
N PRO A 120 4.74 26.43 18.76
CA PRO A 120 4.79 25.70 17.50
C PRO A 120 5.29 24.27 17.63
N MET A 121 4.92 23.46 16.64
CA MET A 121 5.42 22.10 16.56
C MET A 121 6.94 22.11 16.41
N SER A 122 7.54 20.94 16.64
CA SER A 122 8.99 20.82 16.53
C SER A 122 9.47 20.98 15.09
N VAL A 123 8.62 20.68 14.12
CA VAL A 123 8.98 20.80 12.70
C VAL A 123 7.80 21.30 11.91
N PRO A 124 8.03 21.95 10.78
CA PRO A 124 6.93 22.27 9.87
C PRO A 124 6.30 21.01 9.29
N ARG A 125 4.99 21.06 9.08
CA ARG A 125 4.21 19.89 8.65
C ARG A 125 3.15 20.35 7.65
N ASN A 126 3.51 20.34 6.36
CA ASN A 126 2.55 20.57 5.29
C ASN A 126 1.78 19.28 4.99
N ARG A 127 0.49 19.42 4.69
CA ARG A 127 -0.38 18.27 4.42
C ARG A 127 -0.39 17.32 5.61
N ILE A 128 -0.62 17.91 6.78
CA ILE A 128 -0.61 17.23 8.06
C ILE A 128 -1.94 16.52 8.31
N GLY A 129 -1.93 15.55 9.21
CA GLY A 129 -3.16 15.05 9.81
C GLY A 129 -3.12 15.27 11.31
N VAL A 130 -4.30 15.44 11.92
CA VAL A 130 -4.36 15.65 13.36
C VAL A 130 -5.55 14.91 13.96
N GLY A 131 -5.41 14.56 15.24
CA GLY A 131 -6.49 13.95 15.98
C GLY A 131 -6.45 14.41 17.43
N VAL A 132 -7.58 14.30 18.11
CA VAL A 132 -7.70 14.75 19.50
C VAL A 132 -7.95 13.54 20.38
N ILE A 133 -7.06 13.31 21.35
CA ILE A 133 -7.25 12.29 22.38
C ILE A 133 -7.10 12.96 23.75
N ASP A 134 -8.16 12.90 24.54
CA ASP A 134 -8.11 13.31 25.95
C ASP A 134 -7.71 14.78 26.08
N GLY A 135 -8.28 15.63 25.23
CA GLY A 135 -7.92 17.03 25.25
C GLY A 135 -6.52 17.34 24.76
N HIS A 136 -5.81 16.38 24.19
CA HIS A 136 -4.47 16.59 23.63
C HIS A 136 -4.53 16.47 22.11
N ILE A 137 -3.75 17.30 21.42
CA ILE A 137 -3.75 17.33 19.96
C ILE A 137 -2.56 16.53 19.45
N TYR A 138 -2.81 15.58 18.55
CA TYR A 138 -1.77 14.80 17.92
C TYR A 138 -1.59 15.27 16.49
N ALA A 139 -0.36 15.68 16.17
CA ALA A 139 0.04 16.10 14.84
C ALA A 139 0.84 14.97 14.21
N VAL A 140 0.40 14.52 13.03
CA VAL A 140 0.84 13.29 12.39
C VAL A 140 1.34 13.59 10.99
N GLY A 141 2.58 13.17 10.71
CA GLY A 141 3.07 13.11 9.34
C GLY A 141 3.25 14.49 8.74
N GLY A 142 2.97 14.59 7.45
CA GLY A 142 3.20 15.83 6.73
C GLY A 142 4.62 15.91 6.18
N SER A 143 4.90 17.01 5.49
CA SER A 143 6.18 17.18 4.85
C SER A 143 6.80 18.53 5.24
N HIS A 144 8.12 18.58 5.13
CA HIS A 144 8.89 19.81 5.27
C HIS A 144 9.92 19.78 4.14
N GLY A 145 9.65 20.54 3.08
CA GLY A 145 10.50 20.44 1.90
C GLY A 145 10.50 19.02 1.36
N CYS A 146 11.70 18.48 1.14
CA CYS A 146 11.87 17.09 0.72
C CYS A 146 11.56 16.09 1.83
N ILE A 147 11.49 16.52 3.08
CA ILE A 147 11.40 15.58 4.18
C ILE A 147 9.95 15.16 4.33
N HIS A 148 9.72 13.84 4.30
CA HIS A 148 8.40 13.26 4.53
C HIS A 148 8.39 12.64 5.90
N HIS A 149 7.61 13.21 6.82
CA HIS A 149 7.66 12.80 8.22
C HIS A 149 6.99 11.46 8.45
N ASN A 150 7.64 10.62 9.25
CA ASN A 150 6.93 9.60 10.03
C ASN A 150 6.73 10.04 11.48
N SER A 151 7.29 11.17 11.88
CA SER A 151 7.23 11.61 13.26
C SER A 151 5.82 12.08 13.63
N VAL A 152 5.55 12.06 14.93
CA VAL A 152 4.25 12.38 15.52
C VAL A 152 4.52 13.15 16.80
N GLU A 153 3.68 14.15 17.10
CA GLU A 153 3.90 14.87 18.35
C GLU A 153 2.58 15.32 18.94
N ARG A 154 2.58 15.53 20.26
CA ARG A 154 1.37 15.76 21.04
C ARG A 154 1.44 17.13 21.71
N TYR A 155 0.36 17.88 21.62
CA TYR A 155 0.23 19.20 22.21
C TYR A 155 -0.72 19.14 23.39
N GLU A 156 -0.34 19.81 24.47
CA GLU A 156 -1.13 19.87 25.70
C GLU A 156 -1.55 21.30 25.94
N PRO A 157 -2.80 21.66 25.66
CA PRO A 157 -3.22 23.07 25.75
C PRO A 157 -3.09 23.68 27.14
N GLU A 158 -3.19 22.89 28.21
CA GLU A 158 -3.11 23.49 29.53
C GLU A 158 -1.67 23.78 29.95
N ARG A 159 -0.69 23.42 29.13
CA ARG A 159 0.69 23.80 29.35
C ARG A 159 1.35 24.44 28.14
N ASP A 160 0.61 24.61 27.04
CA ASP A 160 1.13 25.18 25.79
C ASP A 160 2.49 24.57 25.46
N GLU A 161 2.49 23.24 25.35
CA GLU A 161 3.72 22.50 25.09
C GLU A 161 3.48 21.36 24.10
N TRP A 162 4.49 21.11 23.29
CA TRP A 162 4.53 20.01 22.35
C TRP A 162 5.58 19.01 22.83
N HIS A 163 5.28 17.72 22.67
CA HIS A 163 6.18 16.66 23.08
C HIS A 163 6.20 15.53 22.05
N LEU A 164 7.40 15.23 21.54
CA LEU A 164 7.56 14.17 20.55
C LEU A 164 7.18 12.81 21.11
N VAL A 165 6.44 12.03 20.33
CA VAL A 165 6.01 10.70 20.76
C VAL A 165 6.44 9.64 19.75
N ALA A 166 5.98 8.41 19.98
CA ALA A 166 6.31 7.29 19.09
C ALA A 166 5.95 7.61 17.64
N PRO A 167 6.95 7.55 16.75
CA PRO A 167 6.75 7.83 15.32
C PRO A 167 6.01 6.71 14.61
N MET A 168 5.45 7.01 13.44
CA MET A 168 4.72 6.02 12.67
C MET A 168 5.66 4.99 12.05
N LEU A 169 5.09 3.83 11.72
CA LEU A 169 5.85 2.85 10.93
C LEU A 169 6.08 3.32 9.50
N THR A 170 5.35 4.34 9.05
CA THR A 170 5.35 4.77 7.66
C THR A 170 5.46 6.28 7.60
N ARG A 171 6.25 6.78 6.65
CA ARG A 171 6.26 8.20 6.35
C ARG A 171 5.00 8.53 5.55
N ARG A 172 4.23 9.51 6.02
CA ARG A 172 2.92 9.79 5.44
C ARG A 172 2.71 11.29 5.36
N ILE A 173 2.58 11.81 4.14
CA ILE A 173 2.09 13.16 3.96
C ILE A 173 0.74 13.06 3.26
N GLY A 174 -0.11 14.06 3.47
CA GLY A 174 -1.49 13.94 3.02
C GLY A 174 -2.22 12.79 3.71
N VAL A 175 -1.90 12.55 4.95
CA VAL A 175 -2.43 11.42 5.70
C VAL A 175 -3.76 11.82 6.33
N GLY A 176 -4.72 10.91 6.35
CA GLY A 176 -5.97 11.15 7.07
C GLY A 176 -5.88 10.58 8.48
N VAL A 177 -6.43 11.32 9.44
CA VAL A 177 -6.30 10.92 10.83
C VAL A 177 -7.66 10.94 11.49
N ALA A 178 -7.93 9.92 12.30
CA ALA A 178 -9.21 9.84 13.00
C ALA A 178 -8.98 9.19 14.37
N VAL A 179 -9.83 9.53 15.32
CA VAL A 179 -9.72 8.98 16.67
C VAL A 179 -10.95 8.15 16.95
N LEU A 180 -10.74 6.90 17.36
CA LEU A 180 -11.84 6.00 17.65
C LEU A 180 -11.52 5.27 18.94
N ASN A 181 -12.39 5.43 19.94
CA ASN A 181 -12.23 4.80 21.23
C ASN A 181 -10.84 5.07 21.83
N ARG A 182 -10.42 6.35 21.75
CA ARG A 182 -9.11 6.84 22.22
C ARG A 182 -7.95 6.11 21.60
N LEU A 183 -8.10 5.61 20.38
CA LEU A 183 -6.98 5.11 19.61
C LEU A 183 -6.85 6.00 18.40
N LEU A 184 -5.61 6.27 17.97
CA LEU A 184 -5.36 7.23 16.91
C LEU A 184 -5.05 6.48 15.61
N TYR A 185 -5.81 6.71 14.56
CA TYR A 185 -5.62 6.01 13.29
C TYR A 185 -5.06 6.97 12.25
N ALA A 186 -4.01 6.53 11.55
CA ALA A 186 -3.41 7.21 10.42
C ALA A 186 -3.65 6.38 9.17
N VAL A 187 -4.27 6.99 8.17
CA VAL A 187 -4.88 6.29 7.04
C VAL A 187 -4.33 6.87 5.75
N GLY A 188 -3.72 6.01 4.92
CA GLY A 188 -3.30 6.42 3.58
C GLY A 188 -2.14 7.40 3.60
N GLY A 189 -2.07 8.20 2.55
CA GLY A 189 -1.05 9.21 2.38
C GLY A 189 -0.08 8.91 1.26
N PHE A 190 1.05 9.61 1.30
CA PHE A 190 2.10 9.52 0.28
C PHE A 190 3.45 9.54 0.99
N ASP A 191 4.32 8.57 0.70
CA ASP A 191 5.56 8.44 1.44
C ASP A 191 6.75 9.07 0.71
N GLY A 192 6.50 9.80 -0.37
CA GLY A 192 7.54 10.36 -1.18
C GLY A 192 7.76 9.60 -2.48
N THR A 193 7.44 8.32 -2.49
CA THR A 193 7.58 7.50 -3.69
C THR A 193 6.27 6.82 -4.08
N ASN A 194 5.58 6.22 -3.12
CA ASN A 194 4.34 5.50 -3.35
C ASN A 194 3.21 6.12 -2.55
N ARG A 195 2.02 6.14 -3.13
CA ARG A 195 0.83 6.44 -2.36
C ARG A 195 0.30 5.15 -1.71
N LEU A 196 -0.40 5.34 -0.60
CA LEU A 196 -0.60 4.25 0.35
C LEU A 196 -2.07 3.94 0.56
N ASN A 197 -2.37 2.64 0.69
CA ASN A 197 -3.65 2.19 1.22
C ASN A 197 -3.52 1.65 2.64
N SER A 198 -2.29 1.52 3.15
CA SER A 198 -2.07 1.07 4.51
C SER A 198 -2.66 2.03 5.53
N ALA A 199 -3.06 1.48 6.67
CA ALA A 199 -3.43 2.24 7.84
C ALA A 199 -2.74 1.66 9.06
N GLU A 200 -2.52 2.52 10.07
CA GLU A 200 -1.92 2.07 11.31
C GLU A 200 -2.57 2.81 12.47
N CYS A 201 -2.37 2.25 13.68
CA CYS A 201 -3.11 2.67 14.85
C CYS A 201 -2.13 2.89 15.99
N TYR A 202 -2.27 4.02 16.66
CA TYR A 202 -1.41 4.44 17.76
C TYR A 202 -2.12 4.23 19.08
N TYR A 203 -1.44 3.53 19.99
CA TYR A 203 -1.84 3.27 21.37
C TYR A 203 -1.03 4.23 22.24
N PRO A 204 -1.65 5.28 22.76
CA PRO A 204 -0.87 6.31 23.48
C PRO A 204 -0.24 5.81 24.76
N GLU A 205 -0.94 4.97 25.51
CA GLU A 205 -0.43 4.51 26.80
C GLU A 205 0.65 3.46 26.65
N ARG A 206 0.69 2.76 25.52
CA ARG A 206 1.85 1.95 25.19
C ARG A 206 2.84 2.76 24.37
N ASN A 207 2.41 3.92 23.90
CA ASN A 207 3.17 4.78 23.01
C ASN A 207 3.75 3.97 21.86
N GLU A 208 2.88 3.27 21.13
CA GLU A 208 3.41 2.57 19.98
C GLU A 208 2.37 2.44 18.88
N TRP A 209 2.86 2.23 17.66
CA TRP A 209 2.07 2.12 16.46
C TRP A 209 2.01 0.68 16.00
N ARG A 210 0.84 0.24 15.54
CA ARG A 210 0.62 -1.11 15.06
C ARG A 210 -0.14 -1.05 13.75
N MET A 211 0.35 -1.77 12.74
CA MET A 211 -0.38 -1.83 11.48
C MET A 211 -1.74 -2.49 11.67
N ILE A 212 -2.73 -2.02 10.91
CA ILE A 212 -4.05 -2.64 10.87
C ILE A 212 -4.36 -3.07 9.43
N THR A 213 -5.59 -3.50 9.20
CA THR A 213 -6.01 -3.87 7.84
C THR A 213 -5.98 -2.66 6.92
N ALA A 214 -5.42 -2.85 5.73
CA ALA A 214 -5.33 -1.77 4.76
C ALA A 214 -6.68 -1.50 4.12
N MET A 215 -6.85 -0.27 3.63
CA MET A 215 -8.04 0.09 2.88
C MET A 215 -8.10 -0.70 1.58
N ASN A 216 -9.29 -0.70 0.97
CA ASN A 216 -9.41 -1.27 -0.36
C ASN A 216 -8.74 -0.41 -1.42
N THR A 217 -8.62 0.90 -1.17
CA THR A 217 -8.16 1.83 -2.18
C THR A 217 -6.97 2.64 -1.66
N ILE A 218 -5.98 2.82 -2.53
CA ILE A 218 -4.88 3.74 -2.24
C ILE A 218 -5.40 5.16 -2.29
N ARG A 219 -5.10 5.94 -1.25
CA ARG A 219 -5.59 7.31 -1.13
C ARG A 219 -4.54 8.18 -0.45
N SER A 220 -4.17 9.29 -1.10
CA SER A 220 -3.48 10.39 -0.45
C SER A 220 -4.37 11.62 -0.52
N GLY A 221 -4.36 12.43 0.55
CA GLY A 221 -5.23 13.59 0.58
C GLY A 221 -6.69 13.26 0.64
N ALA A 222 -7.05 12.13 1.25
CA ALA A 222 -8.45 11.82 1.47
C ALA A 222 -8.95 12.57 2.70
N GLY A 223 -10.30 12.55 2.87
CA GLY A 223 -10.90 13.03 4.08
C GLY A 223 -11.22 11.85 4.98
N VAL A 224 -10.68 11.89 6.19
CA VAL A 224 -10.84 10.79 7.15
C VAL A 224 -11.48 11.35 8.41
N CYS A 225 -12.54 10.66 8.87
CA CYS A 225 -13.29 11.11 10.03
C CYS A 225 -13.87 9.89 10.74
N VAL A 226 -14.46 10.11 11.87
CA VAL A 226 -15.17 9.08 12.60
C VAL A 226 -16.63 9.45 12.70
N LEU A 227 -17.49 8.54 12.34
CA LEU A 227 -18.90 8.75 12.42
C LEU A 227 -19.50 7.50 13.04
N HIS A 228 -20.31 7.74 14.04
CA HIS A 228 -20.94 6.72 14.81
C HIS A 228 -19.80 5.87 15.32
N ASN A 229 -19.64 4.66 14.88
CA ASN A 229 -18.53 3.91 15.43
C ASN A 229 -17.59 3.34 14.42
N CYS A 230 -17.40 4.06 13.34
CA CYS A 230 -16.58 3.66 12.26
C CYS A 230 -15.78 4.81 11.70
N ILE A 231 -14.65 4.49 11.11
CA ILE A 231 -13.79 5.45 10.49
C ILE A 231 -14.10 5.50 9.01
N TYR A 232 -14.35 6.67 8.51
CA TYR A 232 -14.62 6.88 7.10
C TYR A 232 -13.42 7.48 6.41
N ALA A 233 -13.13 6.98 5.21
CA ALA A 233 -12.10 7.49 4.31
C ALA A 233 -12.78 7.78 2.99
N ALA A 234 -12.81 9.07 2.60
CA ALA A 234 -13.57 9.56 1.47
C ALA A 234 -12.64 10.28 0.50
N GLY A 235 -12.71 9.89 -0.77
CA GLY A 235 -11.95 10.56 -1.81
C GLY A 235 -10.45 10.38 -1.70
N GLY A 236 -9.72 11.38 -2.15
CA GLY A 236 -8.28 11.32 -2.21
C GLY A 236 -7.78 11.16 -3.63
N TYR A 237 -6.48 10.87 -3.73
CA TYR A 237 -5.76 10.73 -4.99
C TYR A 237 -4.92 9.47 -4.92
N ASP A 238 -4.95 8.65 -5.96
CA ASP A 238 -4.22 7.39 -5.95
C ASP A 238 -3.00 7.39 -6.86
N GLY A 239 -2.59 8.56 -7.35
CA GLY A 239 -1.53 8.66 -8.32
C GLY A 239 -1.98 8.65 -9.77
N GLN A 240 -3.24 8.33 -10.04
CA GLN A 240 -3.77 8.35 -11.39
C GLN A 240 -5.04 9.17 -11.46
N ASP A 241 -5.95 8.94 -10.51
CA ASP A 241 -7.25 9.61 -10.53
C ASP A 241 -7.55 10.20 -9.15
N GLN A 242 -8.26 11.32 -9.17
CA GLN A 242 -8.98 11.74 -7.97
C GLN A 242 -10.16 10.79 -7.78
N LEU A 243 -10.51 10.54 -6.52
CA LEU A 243 -11.46 9.49 -6.16
C LEU A 243 -12.77 10.07 -5.62
N ASN A 244 -13.88 9.41 -5.94
CA ASN A 244 -15.14 9.67 -5.26
C ASN A 244 -15.56 8.52 -4.37
N SER A 245 -14.82 7.42 -4.35
CA SER A 245 -15.19 6.29 -3.52
C SER A 245 -15.01 6.63 -2.04
N VAL A 246 -15.83 5.98 -1.22
CA VAL A 246 -15.82 6.17 0.23
C VAL A 246 -15.88 4.78 0.86
N GLU A 247 -15.01 4.53 1.82
CA GLU A 247 -15.05 3.26 2.54
C GLU A 247 -14.94 3.52 4.02
N ARG A 248 -15.32 2.51 4.81
CA ARG A 248 -15.44 2.69 6.24
C ARG A 248 -14.94 1.46 6.95
N TYR A 249 -14.22 1.70 8.04
CA TYR A 249 -13.56 0.69 8.84
C TYR A 249 -14.37 0.42 10.08
N ASP A 250 -14.67 -0.86 10.29
CA ASP A 250 -15.27 -1.36 11.51
C ASP A 250 -14.19 -2.06 12.32
N VAL A 251 -13.95 -1.55 13.54
CA VAL A 251 -12.91 -2.07 14.41
C VAL A 251 -13.23 -3.49 14.85
N ALA A 252 -14.51 -3.79 15.08
CA ALA A 252 -14.90 -5.10 15.58
C ALA A 252 -14.52 -6.20 14.60
N THR A 253 -14.75 -6.00 13.31
CA THR A 253 -14.40 -6.98 12.29
C THR A 253 -13.07 -6.66 11.63
N ALA A 254 -12.38 -5.61 12.08
CA ALA A 254 -11.16 -5.10 11.44
C ALA A 254 -11.30 -5.09 9.92
N THR A 255 -12.39 -4.51 9.43
CA THR A 255 -12.68 -4.61 8.01
C THR A 255 -13.08 -3.27 7.40
N TRP A 256 -12.59 -2.99 6.18
CA TRP A 256 -13.00 -1.84 5.39
C TRP A 256 -14.08 -2.27 4.40
N THR A 257 -15.17 -1.50 4.34
CA THR A 257 -16.27 -1.80 3.44
C THR A 257 -16.61 -0.60 2.56
N PHE A 258 -16.78 -0.83 1.27
CA PHE A 258 -17.11 0.23 0.33
C PHE A 258 -18.56 0.67 0.50
N VAL A 259 -18.78 1.99 0.50
CA VAL A 259 -20.11 2.54 0.66
C VAL A 259 -20.45 3.47 -0.50
N ALA A 260 -21.57 4.18 -0.39
CA ALA A 260 -22.01 5.11 -1.42
C ALA A 260 -20.95 6.17 -1.70
N PRO A 261 -20.57 6.33 -2.97
CA PRO A 261 -19.56 7.30 -3.38
C PRO A 261 -20.13 8.71 -3.36
N MET A 262 -19.22 9.68 -3.33
CA MET A 262 -19.65 11.06 -3.44
C MET A 262 -20.02 11.39 -4.87
N LYS A 263 -20.70 12.53 -5.03
CA LYS A 263 -21.03 13.00 -6.37
C LYS A 263 -19.78 13.42 -7.13
N HIS A 264 -18.86 14.12 -6.49
CA HIS A 264 -17.71 14.70 -7.17
C HIS A 264 -16.42 14.09 -6.64
N ARG A 265 -15.61 13.55 -7.55
CA ARG A 265 -14.25 13.15 -7.19
C ARG A 265 -13.48 14.34 -6.66
N ARG A 266 -12.70 14.12 -5.62
CA ARG A 266 -11.98 15.24 -5.01
C ARG A 266 -10.82 14.72 -4.19
N SER A 267 -9.70 15.42 -4.27
CA SER A 267 -8.54 15.21 -3.42
C SER A 267 -8.29 16.49 -2.63
N ALA A 268 -7.62 16.33 -1.48
CA ALA A 268 -7.29 17.47 -0.61
C ALA A 268 -8.56 18.17 -0.14
N LEU A 269 -9.56 17.38 0.23
CA LEU A 269 -10.83 17.89 0.68
C LEU A 269 -10.82 18.10 2.19
N GLY A 270 -11.68 19.00 2.66
CA GLY A 270 -11.97 19.09 4.08
C GLY A 270 -13.10 18.17 4.45
N ILE A 271 -13.13 17.74 5.71
CA ILE A 271 -14.15 16.80 6.17
C ILE A 271 -14.41 17.05 7.65
N THR A 272 -15.66 16.84 8.05
CA THR A 272 -16.05 16.93 9.45
C THR A 272 -17.38 16.23 9.66
N VAL A 273 -17.75 16.07 10.92
CA VAL A 273 -19.02 15.47 11.30
C VAL A 273 -19.85 16.51 12.03
N HIS A 274 -21.08 16.73 11.57
CA HIS A 274 -22.04 17.64 12.19
C HIS A 274 -23.36 16.91 12.36
N GLN A 275 -23.84 16.84 13.60
CA GLN A 275 -25.13 16.20 13.95
C GLN A 275 -25.34 14.89 13.21
N GLY A 276 -24.40 13.97 13.40
CA GLY A 276 -24.54 12.63 12.85
C GLY A 276 -24.45 12.52 11.34
N ARG A 277 -23.97 13.55 10.65
CA ARG A 277 -23.77 13.48 9.21
C ARG A 277 -22.36 13.93 8.85
N ILE A 278 -21.86 13.44 7.72
CA ILE A 278 -20.51 13.76 7.26
C ILE A 278 -20.59 14.91 6.27
N TYR A 279 -19.73 15.91 6.43
CA TYR A 279 -19.65 17.03 5.49
C TYR A 279 -18.26 17.04 4.88
N VAL A 280 -18.20 17.09 3.56
CA VAL A 280 -16.96 17.24 2.82
C VAL A 280 -17.00 18.54 2.04
N LEU A 281 -15.89 19.28 2.10
CA LEU A 281 -15.82 20.65 1.63
C LEU A 281 -14.67 20.78 0.63
N GLY A 282 -15.01 21.22 -0.58
CA GLY A 282 -13.99 21.63 -1.53
C GLY A 282 -13.13 20.48 -2.01
N GLY A 283 -11.89 20.79 -2.33
CA GLY A 283 -10.95 19.83 -2.87
C GLY A 283 -10.59 20.17 -4.31
N TYR A 284 -9.93 19.22 -4.94
CA TYR A 284 -9.39 19.36 -6.28
C TYR A 284 -9.73 18.10 -7.06
N ASP A 285 -10.20 18.27 -8.30
CA ASP A 285 -10.64 17.13 -9.12
C ASP A 285 -9.77 16.96 -10.37
N GLY A 286 -8.55 17.45 -10.35
CA GLY A 286 -7.67 17.41 -11.51
C GLY A 286 -7.85 18.55 -12.47
N HIS A 287 -8.93 19.31 -12.34
CA HIS A 287 -9.24 20.42 -13.22
C HIS A 287 -9.57 21.70 -12.47
N THR A 288 -10.39 21.63 -11.43
CA THR A 288 -10.86 22.82 -10.75
C THR A 288 -10.75 22.65 -9.25
N PHE A 289 -10.68 23.77 -8.55
CA PHE A 289 -10.74 23.79 -7.10
C PHE A 289 -12.21 23.95 -6.71
N LEU A 290 -12.75 22.93 -6.07
CA LEU A 290 -14.20 22.82 -5.87
C LEU A 290 -14.68 23.73 -4.74
N ASP A 291 -15.87 24.29 -4.90
CA ASP A 291 -16.60 24.89 -3.79
C ASP A 291 -17.75 24.04 -3.30
N SER A 292 -18.05 22.93 -4.00
CA SER A 292 -19.09 21.99 -3.59
C SER A 292 -18.92 21.53 -2.15
N VAL A 293 -20.03 21.47 -1.41
CA VAL A 293 -20.08 20.82 -0.11
C VAL A 293 -21.09 19.68 -0.20
N GLU A 294 -20.62 18.46 0.05
CA GLU A 294 -21.49 17.28 0.06
C GLU A 294 -21.69 16.77 1.48
N CYS A 295 -22.84 16.12 1.70
CA CYS A 295 -23.30 15.73 3.03
C CYS A 295 -23.78 14.28 2.97
N TYR A 296 -23.14 13.42 3.73
CA TYR A 296 -23.46 12.00 3.79
C TYR A 296 -24.37 11.73 4.98
N ASP A 297 -25.51 11.08 4.68
CA ASP A 297 -26.45 10.62 5.69
C ASP A 297 -26.27 9.13 5.89
N PRO A 298 -25.76 8.68 7.04
CA PRO A 298 -25.48 7.25 7.23
C PRO A 298 -26.73 6.38 7.24
N ASP A 299 -27.91 6.93 7.54
CA ASP A 299 -29.11 6.10 7.61
C ASP A 299 -29.59 5.72 6.22
N THR A 300 -29.53 6.64 5.27
CA THR A 300 -29.92 6.41 3.89
C THR A 300 -28.78 5.88 3.01
N ASP A 301 -27.52 5.99 3.45
CA ASP A 301 -26.36 5.70 2.61
C ASP A 301 -26.37 6.55 1.33
N THR A 302 -26.74 7.81 1.48
CA THR A 302 -26.83 8.74 0.35
C THR A 302 -25.93 9.95 0.59
N TRP A 303 -25.47 10.55 -0.52
CA TRP A 303 -24.78 11.83 -0.50
C TRP A 303 -25.60 12.86 -1.26
N SER A 304 -25.74 14.04 -0.67
CA SER A 304 -26.42 15.16 -1.31
C SER A 304 -25.47 16.35 -1.33
N GLU A 305 -25.78 17.31 -2.20
CA GLU A 305 -25.10 18.59 -2.24
C GLU A 305 -25.96 19.59 -1.48
N VAL A 306 -25.39 20.22 -0.46
CA VAL A 306 -26.15 21.09 0.41
C VAL A 306 -25.77 22.57 0.30
N THR A 307 -24.54 22.90 -0.09
CA THR A 307 -24.16 24.31 -0.23
C THR A 307 -22.89 24.40 -1.08
N ARG A 308 -22.60 25.63 -1.50
CA ARG A 308 -21.34 25.95 -2.16
C ARG A 308 -20.58 26.93 -1.29
N MET A 309 -19.27 26.69 -1.12
CA MET A 309 -18.47 27.65 -0.37
C MET A 309 -18.39 28.95 -1.14
N THR A 310 -17.99 30.02 -0.46
CA THR A 310 -17.92 31.32 -1.12
C THR A 310 -16.90 31.35 -2.26
N SER A 311 -15.91 30.47 -2.25
CA SER A 311 -15.00 30.32 -3.37
C SER A 311 -14.35 28.95 -3.27
N GLY A 312 -14.08 28.34 -4.43
CA GLY A 312 -13.44 27.04 -4.45
C GLY A 312 -12.03 27.05 -3.88
N ARG A 313 -11.65 25.94 -3.28
CA ARG A 313 -10.40 25.85 -2.53
C ARG A 313 -10.16 24.41 -2.11
N SER A 314 -8.89 24.04 -2.04
CA SER A 314 -8.45 22.73 -1.57
C SER A 314 -7.58 22.89 -0.32
N GLY A 315 -7.35 21.77 0.35
CA GLY A 315 -6.44 21.75 1.48
C GLY A 315 -6.83 22.64 2.64
N VAL A 316 -8.11 22.66 3.01
CA VAL A 316 -8.61 23.44 4.13
C VAL A 316 -8.48 22.67 5.44
N GLY A 317 -8.56 23.38 6.56
CA GLY A 317 -8.75 22.79 7.86
C GLY A 317 -10.18 22.99 8.33
N VAL A 318 -10.87 21.89 8.62
CA VAL A 318 -12.29 21.93 8.99
C VAL A 318 -12.49 21.41 10.40
N ALA A 319 -13.41 22.03 11.13
CA ALA A 319 -13.82 21.51 12.44
C ALA A 319 -15.15 22.14 12.84
N VAL A 320 -15.71 21.67 13.95
CA VAL A 320 -17.05 22.07 14.38
C VAL A 320 -16.96 22.60 15.81
N THR A 321 -17.52 23.79 16.03
CA THR A 321 -17.70 24.29 17.39
C THR A 321 -18.78 25.38 17.44
N LEU B 39 15.11 -32.04 -5.08
CA LEU B 39 15.98 -31.07 -5.74
C LEU B 39 15.30 -29.71 -5.88
N ILE B 40 16.09 -28.65 -5.96
CA ILE B 40 15.57 -27.30 -6.18
C ILE B 40 15.72 -26.98 -7.66
N TYR B 41 14.60 -27.02 -8.38
CA TYR B 41 14.57 -26.73 -9.80
C TYR B 41 14.33 -25.24 -10.02
N THR B 42 15.13 -24.64 -10.91
CA THR B 42 14.95 -23.26 -11.36
C THR B 42 14.85 -23.26 -12.88
N ALA B 43 13.78 -22.64 -13.38
CA ALA B 43 13.45 -22.57 -14.79
C ALA B 43 13.41 -21.12 -15.25
N GLY B 44 13.89 -20.88 -16.47
CA GLY B 44 13.82 -19.57 -17.09
C GLY B 44 14.73 -18.55 -16.42
N GLY B 45 14.32 -17.29 -16.48
CA GLY B 45 15.09 -16.18 -15.97
C GLY B 45 15.57 -15.27 -17.08
N TYR B 46 16.34 -14.26 -16.69
CA TYR B 46 16.78 -13.23 -17.61
C TYR B 46 18.24 -12.87 -17.34
N PHE B 47 19.04 -12.90 -18.40
CA PHE B 47 20.46 -12.57 -18.33
C PHE B 47 20.77 -12.04 -19.73
N ARG B 48 20.35 -10.78 -19.95
CA ARG B 48 20.45 -9.98 -21.20
C ARG B 48 19.39 -10.31 -22.28
N GLN B 49 18.58 -11.32 -21.98
CA GLN B 49 17.49 -11.87 -22.78
C GLN B 49 16.86 -12.99 -21.95
N SER B 50 15.61 -13.35 -22.24
CA SER B 50 14.93 -14.41 -21.52
C SER B 50 15.61 -15.74 -21.84
N LEU B 51 15.58 -16.65 -20.87
CA LEU B 51 16.39 -17.85 -20.90
C LEU B 51 15.50 -19.08 -20.89
N SER B 52 16.07 -20.17 -21.41
CA SER B 52 15.40 -21.47 -21.46
C SER B 52 15.97 -22.45 -20.45
N TYR B 53 16.90 -22.01 -19.61
CA TYR B 53 17.60 -22.92 -18.69
C TYR B 53 16.62 -23.63 -17.76
N LEU B 54 16.88 -24.92 -17.52
CA LEU B 54 16.32 -25.64 -16.39
C LEU B 54 17.48 -26.30 -15.65
N GLU B 55 17.76 -25.83 -14.44
CA GLU B 55 18.84 -26.39 -13.64
C GLU B 55 18.33 -26.76 -12.26
N ALA B 56 18.90 -27.82 -11.69
CA ALA B 56 18.50 -28.33 -10.39
C ALA B 56 19.68 -28.34 -9.44
N TYR B 57 19.47 -27.78 -8.25
CA TYR B 57 20.49 -27.69 -7.22
C TYR B 57 20.17 -28.69 -6.10
N ASN B 58 21.21 -29.39 -5.67
CA ASN B 58 21.13 -30.35 -4.57
C ASN B 58 21.95 -29.83 -3.41
N PRO B 59 21.33 -29.37 -2.33
CA PRO B 59 22.12 -28.85 -1.20
C PRO B 59 22.96 -29.90 -0.51
N SER B 60 22.78 -31.19 -0.84
CA SER B 60 23.63 -32.23 -0.29
C SER B 60 25.00 -32.28 -0.99
N ASP B 61 25.02 -32.39 -2.32
CA ASP B 61 26.31 -32.39 -3.03
C ASP B 61 26.87 -30.99 -3.17
N GLY B 62 25.99 -29.98 -3.23
CA GLY B 62 26.31 -28.60 -3.52
C GLY B 62 26.52 -28.22 -4.98
N THR B 63 26.38 -29.15 -5.92
CA THR B 63 26.54 -28.83 -7.34
C THR B 63 25.22 -28.95 -8.10
N TRP B 64 25.24 -28.43 -9.33
CA TRP B 64 24.09 -28.28 -10.20
C TRP B 64 23.98 -29.35 -11.29
N LEU B 65 22.74 -29.58 -11.72
CA LEU B 65 22.39 -30.54 -12.76
C LEU B 65 21.68 -29.76 -13.86
N ARG B 66 22.23 -29.80 -15.08
CA ARG B 66 21.56 -29.18 -16.22
C ARG B 66 20.55 -30.15 -16.84
N LEU B 67 19.32 -29.68 -17.05
CA LEU B 67 18.22 -30.52 -17.52
C LEU B 67 17.68 -29.98 -18.85
N ALA B 68 16.54 -30.54 -19.29
CA ALA B 68 15.95 -30.18 -20.56
C ALA B 68 15.59 -28.70 -20.64
N ASP B 69 16.00 -28.06 -21.73
CA ASP B 69 15.67 -26.66 -21.94
C ASP B 69 14.18 -26.45 -22.05
N LEU B 70 13.71 -25.31 -21.53
CA LEU B 70 12.36 -24.86 -21.85
C LEU B 70 12.22 -24.77 -23.36
N GLN B 71 11.01 -25.05 -23.83
CA GLN B 71 10.75 -25.00 -25.26
C GLN B 71 10.76 -23.57 -25.75
N VAL B 72 10.25 -22.66 -24.94
CA VAL B 72 10.24 -21.22 -25.22
C VAL B 72 10.93 -20.54 -24.06
N PRO B 73 11.88 -19.65 -24.32
CA PRO B 73 12.51 -18.88 -23.24
C PRO B 73 11.50 -18.04 -22.48
N ARG B 74 11.73 -17.89 -21.17
CA ARG B 74 10.79 -17.16 -20.33
C ARG B 74 11.52 -16.51 -19.16
N SER B 75 11.13 -15.28 -18.86
CA SER B 75 11.50 -14.59 -17.63
C SER B 75 10.23 -13.99 -17.02
N GLY B 76 10.28 -13.71 -15.72
CA GLY B 76 9.08 -13.22 -15.06
C GLY B 76 8.00 -14.26 -14.89
N LEU B 77 8.36 -15.54 -14.98
CA LEU B 77 7.42 -16.64 -14.82
C LEU B 77 7.38 -17.11 -13.36
N ALA B 78 6.47 -18.02 -13.09
CA ALA B 78 6.45 -18.69 -11.79
C ALA B 78 6.54 -20.20 -11.98
N GLY B 79 7.06 -20.87 -10.96
CA GLY B 79 7.16 -22.31 -10.95
C GLY B 79 6.39 -22.90 -9.78
N CYS B 80 5.87 -24.10 -9.99
CA CYS B 80 5.20 -24.83 -8.93
C CYS B 80 5.30 -26.31 -9.22
N VAL B 81 4.84 -27.13 -8.28
CA VAL B 81 4.87 -28.58 -8.42
C VAL B 81 3.53 -29.15 -8.02
N VAL B 82 2.96 -29.98 -8.88
CA VAL B 82 1.75 -30.74 -8.56
C VAL B 82 1.96 -32.17 -9.00
N GLY B 83 1.71 -33.12 -8.11
CA GLY B 83 1.89 -34.53 -8.41
C GLY B 83 3.26 -34.87 -8.91
N GLY B 84 4.30 -34.27 -8.33
CA GLY B 84 5.67 -34.47 -8.76
C GLY B 84 6.04 -33.80 -10.06
N LEU B 85 5.08 -33.24 -10.79
CA LEU B 85 5.34 -32.57 -12.06
C LEU B 85 5.60 -31.08 -11.84
N LEU B 86 6.65 -30.55 -12.50
CA LEU B 86 7.07 -29.16 -12.32
C LEU B 86 6.47 -28.27 -13.40
N TYR B 87 5.71 -27.25 -13.00
CA TYR B 87 5.02 -26.38 -13.94
C TYR B 87 5.66 -24.99 -14.01
N ALA B 88 5.78 -24.51 -15.25
CA ALA B 88 6.24 -23.16 -15.57
C ALA B 88 5.05 -22.38 -16.13
N VAL B 89 4.74 -21.24 -15.49
CA VAL B 89 3.51 -20.50 -15.71
C VAL B 89 3.83 -19.05 -16.04
N GLY B 90 3.22 -18.53 -17.09
CA GLY B 90 3.29 -17.13 -17.51
C GLY B 90 4.70 -16.70 -17.88
N GLY B 91 4.95 -15.41 -17.68
CA GLY B 91 6.22 -14.82 -18.03
C GLY B 91 6.18 -14.15 -19.38
N ARG B 92 7.37 -13.94 -19.94
CA ARG B 92 7.50 -13.31 -21.25
C ARG B 92 8.83 -13.69 -21.86
N ASN B 93 8.87 -13.73 -23.19
CA ASN B 93 10.10 -13.96 -23.94
C ASN B 93 10.59 -12.59 -24.40
N ASN B 94 11.56 -12.05 -23.66
CA ASN B 94 12.24 -10.79 -23.96
C ASN B 94 13.55 -11.11 -24.65
N SER B 95 13.58 -10.93 -25.95
CA SER B 95 14.65 -11.32 -26.86
C SER B 95 15.01 -10.17 -27.79
N PRO B 96 16.20 -10.20 -28.40
CA PRO B 96 16.56 -9.14 -29.37
C PRO B 96 15.56 -8.97 -30.50
N ASP B 97 14.65 -9.92 -30.72
CA ASP B 97 13.68 -9.85 -31.78
C ASP B 97 12.24 -9.64 -31.31
N GLY B 98 12.01 -9.49 -30.01
CA GLY B 98 10.63 -9.36 -29.57
C GLY B 98 10.53 -9.38 -28.07
N ASN B 99 9.31 -9.12 -27.60
CA ASN B 99 9.02 -9.04 -26.17
C ASN B 99 7.58 -9.54 -26.03
N THR B 100 7.41 -10.85 -25.98
CA THR B 100 6.07 -11.42 -26.04
C THR B 100 5.68 -11.95 -24.67
N ASP B 101 4.60 -11.39 -24.12
CA ASP B 101 4.05 -11.91 -22.88
C ASP B 101 3.46 -13.29 -23.11
N SER B 102 3.53 -14.13 -22.08
CA SER B 102 3.22 -15.55 -22.24
C SER B 102 1.96 -15.89 -21.46
N SER B 103 0.97 -16.44 -22.16
CA SER B 103 -0.17 -17.08 -21.54
C SER B 103 0.05 -18.56 -21.30
N ALA B 104 1.28 -19.05 -21.48
CA ALA B 104 1.55 -20.46 -21.63
C ALA B 104 1.71 -21.16 -20.28
N LEU B 105 1.31 -22.43 -20.25
CA LEU B 105 1.55 -23.33 -19.13
C LEU B 105 2.29 -24.55 -19.64
N ASP B 106 3.45 -24.87 -19.05
CA ASP B 106 4.24 -25.98 -19.56
C ASP B 106 4.70 -26.90 -18.44
N CYS B 107 4.75 -28.21 -18.75
CA CYS B 107 4.92 -29.25 -17.75
C CYS B 107 6.19 -30.05 -17.97
N TYR B 108 7.03 -30.12 -16.95
CA TYR B 108 8.28 -30.87 -17.00
C TYR B 108 8.16 -32.09 -16.11
N ASN B 109 8.40 -33.28 -16.69
CA ASN B 109 8.33 -34.54 -15.94
C ASN B 109 9.73 -34.99 -15.59
N PRO B 110 10.12 -35.06 -14.31
CA PRO B 110 11.51 -35.40 -13.94
C PRO B 110 11.91 -36.85 -14.23
N MET B 111 10.93 -37.67 -14.57
CA MET B 111 11.04 -39.09 -14.91
C MET B 111 11.38 -39.29 -16.35
N THR B 112 10.79 -38.46 -17.22
CA THR B 112 11.00 -38.47 -18.65
C THR B 112 11.87 -37.33 -19.15
N ASN B 113 12.20 -36.35 -18.31
CA ASN B 113 12.94 -35.16 -18.75
C ASN B 113 12.32 -34.54 -20.00
N GLN B 114 10.99 -34.48 -20.03
CA GLN B 114 10.25 -33.94 -21.14
C GLN B 114 9.33 -32.83 -20.67
N TRP B 115 9.32 -31.73 -21.43
CA TRP B 115 8.31 -30.69 -21.34
C TRP B 115 7.12 -31.04 -22.21
N SER B 116 5.95 -30.58 -21.79
CA SER B 116 4.71 -30.80 -22.53
C SER B 116 3.85 -29.55 -22.40
N PRO B 117 3.28 -29.05 -23.49
CA PRO B 117 2.36 -27.92 -23.37
C PRO B 117 1.04 -28.37 -22.77
N CYS B 118 0.47 -27.51 -21.92
CA CYS B 118 -0.88 -27.68 -21.42
C CYS B 118 -1.74 -26.54 -21.96
N ALA B 119 -3.02 -26.55 -21.58
CA ALA B 119 -3.90 -25.49 -22.01
C ALA B 119 -3.38 -24.15 -21.53
N PRO B 120 -3.52 -23.08 -22.32
CA PRO B 120 -3.01 -21.78 -21.92
C PRO B 120 -4.02 -21.01 -21.08
N MET B 121 -3.49 -20.09 -20.29
CA MET B 121 -4.33 -19.20 -19.49
C MET B 121 -5.19 -18.34 -20.41
N SER B 122 -6.18 -17.68 -19.80
CA SER B 122 -7.05 -16.79 -20.55
C SER B 122 -6.32 -15.55 -21.03
N VAL B 123 -5.26 -15.14 -20.34
CA VAL B 123 -4.50 -13.94 -20.71
C VAL B 123 -3.02 -14.18 -20.43
N PRO B 124 -2.15 -13.48 -21.17
CA PRO B 124 -0.72 -13.52 -20.83
C PRO B 124 -0.47 -12.82 -19.50
N ARG B 125 0.50 -13.34 -18.76
CA ARG B 125 0.78 -12.85 -17.40
C ARG B 125 2.30 -12.81 -17.19
N ASN B 126 2.91 -11.67 -17.51
CA ASN B 126 4.29 -11.44 -17.17
C ASN B 126 4.40 -11.00 -15.71
N ARG B 127 5.43 -11.49 -15.02
CA ARG B 127 5.64 -11.21 -13.60
C ARG B 127 4.44 -11.69 -12.78
N ILE B 128 4.07 -12.94 -13.05
CA ILE B 128 2.92 -13.60 -12.46
C ILE B 128 3.25 -14.09 -11.06
N GLY B 129 2.22 -14.35 -10.26
CA GLY B 129 2.35 -15.13 -9.04
C GLY B 129 1.49 -16.37 -9.15
N VAL B 130 1.91 -17.45 -8.47
CA VAL B 130 1.12 -18.68 -8.49
C VAL B 130 1.14 -19.34 -7.13
N GLY B 131 0.08 -20.08 -6.85
CA GLY B 131 0.00 -20.87 -5.63
C GLY B 131 -0.72 -22.18 -5.90
N VAL B 132 -0.48 -23.16 -5.04
CA VAL B 132 -1.04 -24.49 -5.24
C VAL B 132 -2.02 -24.77 -4.10
N ILE B 133 -3.28 -24.99 -4.45
CA ILE B 133 -4.30 -25.38 -3.47
C ILE B 133 -4.93 -26.68 -3.96
N ASP B 134 -4.79 -27.74 -3.15
CA ASP B 134 -5.53 -28.98 -3.37
C ASP B 134 -5.25 -29.55 -4.77
N GLY B 135 -3.98 -29.53 -5.18
CA GLY B 135 -3.59 -30.00 -6.49
C GLY B 135 -3.99 -29.13 -7.66
N HIS B 136 -4.51 -27.92 -7.43
CA HIS B 136 -4.88 -26.98 -8.47
C HIS B 136 -3.93 -25.78 -8.45
N ILE B 137 -3.66 -25.24 -9.63
CA ILE B 137 -2.73 -24.11 -9.78
C ILE B 137 -3.53 -22.83 -9.88
N TYR B 138 -3.18 -21.84 -9.05
CA TYR B 138 -3.79 -20.53 -9.09
C TYR B 138 -2.79 -19.54 -9.70
N ALA B 139 -3.20 -18.91 -10.79
CA ALA B 139 -2.42 -17.88 -11.48
C ALA B 139 -2.98 -16.53 -11.10
N VAL B 140 -2.11 -15.66 -10.59
CA VAL B 140 -2.49 -14.41 -9.94
C VAL B 140 -1.77 -13.26 -10.64
N GLY B 141 -2.54 -12.27 -11.07
CA GLY B 141 -1.97 -10.99 -11.45
C GLY B 141 -1.11 -11.08 -12.70
N GLY B 142 -0.01 -10.32 -12.69
CA GLY B 142 0.85 -10.24 -13.84
C GLY B 142 0.37 -9.18 -14.81
N SER B 143 1.15 -8.99 -15.87
CA SER B 143 0.84 -7.95 -16.84
C SER B 143 0.80 -8.52 -18.25
N HIS B 144 0.08 -7.80 -19.11
CA HIS B 144 0.07 -8.02 -20.55
C HIS B 144 0.17 -6.64 -21.19
N GLY B 145 1.35 -6.30 -21.71
CA GLY B 145 1.56 -4.94 -22.18
C GLY B 145 1.36 -3.92 -21.07
N CYS B 146 0.55 -2.90 -21.35
CA CYS B 146 0.23 -1.87 -20.36
C CYS B 146 -0.68 -2.40 -19.25
N ILE B 147 -1.35 -3.52 -19.45
CA ILE B 147 -2.44 -3.95 -18.57
C ILE B 147 -1.86 -4.68 -17.37
N HIS B 148 -2.22 -4.22 -16.17
CA HIS B 148 -1.84 -4.88 -14.92
C HIS B 148 -3.06 -5.63 -14.39
N HIS B 149 -2.99 -6.95 -14.38
CA HIS B 149 -4.16 -7.77 -14.07
C HIS B 149 -4.49 -7.72 -12.58
N ASN B 150 -5.79 -7.63 -12.27
CA ASN B 150 -6.29 -8.09 -10.99
C ASN B 150 -6.92 -9.47 -11.07
N SER B 151 -7.03 -10.02 -12.29
CA SER B 151 -7.71 -11.29 -12.50
C SER B 151 -6.88 -12.46 -11.96
N VAL B 152 -7.57 -13.57 -11.70
CA VAL B 152 -7.00 -14.78 -11.15
C VAL B 152 -7.68 -15.95 -11.84
N GLU B 153 -6.93 -17.04 -12.08
CA GLU B 153 -7.57 -18.19 -12.70
C GLU B 153 -6.96 -19.48 -12.18
N ARG B 154 -7.75 -20.55 -12.25
CA ARG B 154 -7.41 -21.83 -11.64
C ARG B 154 -7.30 -22.91 -12.72
N TYR B 155 -6.23 -23.68 -12.67
CA TYR B 155 -5.94 -24.77 -13.58
C TYR B 155 -6.06 -26.10 -12.86
N GLU B 156 -6.64 -27.08 -13.55
CA GLU B 156 -6.83 -28.43 -13.00
C GLU B 156 -6.00 -29.44 -13.79
N PRO B 157 -4.89 -29.94 -13.24
CA PRO B 157 -3.97 -30.78 -14.05
C PRO B 157 -4.62 -32.06 -14.58
N GLU B 158 -5.53 -32.68 -13.84
CA GLU B 158 -6.18 -33.88 -14.36
C GLU B 158 -7.37 -33.56 -15.24
N ARG B 159 -7.67 -32.28 -15.48
CA ARG B 159 -8.60 -31.91 -16.52
C ARG B 159 -8.06 -30.95 -17.56
N ASP B 160 -6.82 -30.50 -17.44
CA ASP B 160 -6.19 -29.59 -18.41
C ASP B 160 -7.09 -28.42 -18.83
N GLU B 161 -7.63 -27.70 -17.85
CA GLU B 161 -8.41 -26.51 -18.16
C GLU B 161 -8.20 -25.44 -17.10
N TRP B 162 -8.39 -24.21 -17.55
CA TRP B 162 -8.36 -23.00 -16.73
C TRP B 162 -9.77 -22.44 -16.62
N HIS B 163 -10.07 -21.85 -15.47
CA HIS B 163 -11.38 -21.26 -15.21
C HIS B 163 -11.25 -20.02 -14.34
N LEU B 164 -11.56 -18.86 -14.90
CA LEU B 164 -11.47 -17.60 -14.17
C LEU B 164 -12.24 -17.66 -12.85
N VAL B 165 -11.61 -17.18 -11.78
CA VAL B 165 -12.22 -17.17 -10.46
C VAL B 165 -12.32 -15.76 -9.91
N ALA B 166 -12.59 -15.65 -8.61
CA ALA B 166 -12.70 -14.35 -7.96
C ALA B 166 -11.43 -13.53 -8.13
N PRO B 167 -11.55 -12.36 -8.77
CA PRO B 167 -10.41 -11.46 -9.01
C PRO B 167 -9.96 -10.76 -7.73
N MET B 168 -8.72 -10.27 -7.72
CA MET B 168 -8.19 -9.57 -6.57
C MET B 168 -8.83 -8.19 -6.42
N LEU B 169 -8.79 -7.66 -5.20
CA LEU B 169 -9.17 -6.28 -4.97
C LEU B 169 -8.18 -5.29 -5.58
N THR B 170 -6.99 -5.77 -5.96
CA THR B 170 -5.87 -4.92 -6.36
C THR B 170 -5.24 -5.49 -7.62
N ARG B 171 -4.87 -4.60 -8.55
CA ARG B 171 -4.06 -5.01 -9.69
C ARG B 171 -2.63 -5.18 -9.20
N ARG B 172 -2.05 -6.35 -9.47
CA ARG B 172 -0.74 -6.70 -8.92
C ARG B 172 0.09 -7.43 -9.96
N ILE B 173 1.22 -6.83 -10.33
CA ILE B 173 2.28 -7.56 -11.02
C ILE B 173 3.49 -7.60 -10.10
N GLY B 174 4.35 -8.60 -10.31
CA GLY B 174 5.40 -8.84 -9.34
C GLY B 174 4.86 -9.19 -7.98
N VAL B 175 3.73 -9.88 -7.95
CA VAL B 175 3.02 -10.21 -6.71
C VAL B 175 3.60 -11.51 -6.17
N GLY B 176 3.75 -11.59 -4.85
CA GLY B 176 4.15 -12.81 -4.21
C GLY B 176 2.92 -13.59 -3.78
N VAL B 177 2.98 -14.91 -3.91
CA VAL B 177 1.83 -15.75 -3.65
C VAL B 177 2.23 -16.86 -2.69
N ALA B 178 1.36 -17.14 -1.72
CA ALA B 178 1.66 -18.17 -0.72
C ALA B 178 0.38 -18.89 -0.35
N VAL B 179 0.51 -20.15 0.07
CA VAL B 179 -0.64 -20.95 0.47
C VAL B 179 -0.48 -21.31 1.94
N LEU B 180 -1.46 -20.95 2.75
CA LEU B 180 -1.43 -21.25 4.18
C LEU B 180 -2.82 -21.66 4.63
N ASN B 181 -2.91 -22.83 5.26
CA ASN B 181 -4.20 -23.39 5.68
C ASN B 181 -5.16 -23.46 4.51
N ARG B 182 -4.64 -23.86 3.35
CA ARG B 182 -5.41 -23.94 2.11
C ARG B 182 -6.14 -22.63 1.81
N LEU B 183 -5.51 -21.52 2.18
CA LEU B 183 -5.91 -20.17 1.81
C LEU B 183 -4.83 -19.55 0.94
N LEU B 184 -5.24 -18.72 -0.03
CA LEU B 184 -4.30 -18.16 -0.99
C LEU B 184 -3.99 -16.70 -0.67
N TYR B 185 -2.72 -16.38 -0.48
CA TYR B 185 -2.32 -15.02 -0.13
C TYR B 185 -1.58 -14.37 -1.30
N ALA B 186 -2.00 -13.15 -1.65
CA ALA B 186 -1.32 -12.32 -2.63
C ALA B 186 -0.72 -11.13 -1.89
N VAL B 187 0.59 -10.96 -2.02
CA VAL B 187 1.40 -10.12 -1.15
C VAL B 187 2.21 -9.16 -2.01
N GLY B 188 2.05 -7.86 -1.78
CA GLY B 188 2.89 -6.87 -2.40
C GLY B 188 2.60 -6.74 -3.88
N GLY B 189 3.60 -6.27 -4.62
CA GLY B 189 3.47 -6.13 -6.05
C GLY B 189 3.48 -4.67 -6.49
N PHE B 190 3.01 -4.47 -7.73
CA PHE B 190 3.01 -3.17 -8.39
C PHE B 190 1.72 -3.05 -9.19
N ASP B 191 0.99 -1.95 -9.02
CA ASP B 191 -0.30 -1.82 -9.68
C ASP B 191 -0.23 -1.00 -10.96
N GLY B 192 0.97 -0.66 -11.41
CA GLY B 192 1.18 0.19 -12.56
C GLY B 192 1.59 1.60 -12.19
N THR B 193 1.20 2.06 -11.01
CA THR B 193 1.56 3.38 -10.51
C THR B 193 2.25 3.32 -9.16
N ASN B 194 1.73 2.54 -8.22
CA ASN B 194 2.29 2.42 -6.88
C ASN B 194 2.77 1.00 -6.62
N ARG B 195 3.88 0.89 -5.92
CA ARG B 195 4.28 -0.39 -5.36
C ARG B 195 3.61 -0.55 -4.00
N LEU B 196 3.37 -1.80 -3.61
CA LEU B 196 2.39 -2.12 -2.59
C LEU B 196 3.01 -2.83 -1.41
N ASN B 197 2.54 -2.49 -0.21
CA ASN B 197 2.76 -3.31 0.97
C ASN B 197 1.51 -4.06 1.38
N SER B 198 0.38 -3.80 0.71
CA SER B 198 -0.86 -4.51 0.98
C SER B 198 -0.75 -6.00 0.67
N ALA B 199 -1.48 -6.80 1.44
CA ALA B 199 -1.70 -8.20 1.14
C ALA B 199 -3.18 -8.49 1.26
N GLU B 200 -3.63 -9.51 0.53
CA GLU B 200 -5.01 -9.94 0.57
C GLU B 200 -5.08 -11.45 0.48
N CYS B 201 -6.26 -11.97 0.82
CA CYS B 201 -6.44 -13.40 1.06
C CYS B 201 -7.65 -13.91 0.30
N TYR B 202 -7.47 -15.01 -0.39
CA TYR B 202 -8.50 -15.68 -1.18
C TYR B 202 -8.95 -16.92 -0.43
N TYR B 203 -10.27 -17.03 -0.25
CA TYR B 203 -10.93 -18.16 0.37
C TYR B 203 -11.59 -19.03 -0.70
N PRO B 204 -11.04 -20.22 -1.00
CA PRO B 204 -11.55 -21.01 -2.15
C PRO B 204 -13.00 -21.44 -1.98
N GLU B 205 -13.36 -21.73 -0.74
CA GLU B 205 -14.64 -22.19 -0.25
C GLU B 205 -15.70 -21.11 -0.29
N ARG B 206 -15.28 -19.84 -0.21
CA ARG B 206 -16.14 -18.68 -0.42
C ARG B 206 -15.95 -17.96 -1.77
N ASN B 207 -14.90 -18.25 -2.55
CA ASN B 207 -14.54 -17.52 -3.78
C ASN B 207 -14.54 -16.00 -3.57
N GLU B 208 -13.62 -15.56 -2.70
CA GLU B 208 -13.69 -14.34 -1.89
C GLU B 208 -12.32 -13.80 -1.60
N TRP B 209 -12.12 -12.49 -1.84
CA TRP B 209 -10.87 -11.82 -1.48
C TRP B 209 -11.10 -10.83 -0.34
N ARG B 210 -10.19 -10.84 0.65
CA ARG B 210 -10.27 -9.92 1.78
C ARG B 210 -8.89 -9.33 2.06
N MET B 211 -8.83 -8.01 2.21
CA MET B 211 -7.59 -7.37 2.61
C MET B 211 -7.19 -7.83 4.01
N ILE B 212 -5.88 -7.98 4.23
CA ILE B 212 -5.38 -8.29 5.56
C ILE B 212 -4.43 -7.18 5.99
N THR B 213 -3.73 -7.39 7.10
CA THR B 213 -2.75 -6.41 7.55
C THR B 213 -1.65 -6.24 6.50
N ALA B 214 -1.31 -5.00 6.20
CA ALA B 214 -0.26 -4.73 5.24
C ALA B 214 1.10 -5.02 5.84
N MET B 215 2.06 -5.32 4.97
CA MET B 215 3.43 -5.50 5.41
C MET B 215 3.98 -4.19 5.97
N ASN B 216 5.09 -4.32 6.71
CA ASN B 216 5.82 -3.14 7.16
C ASN B 216 6.52 -2.44 6.01
N THR B 217 6.85 -3.17 4.95
CA THR B 217 7.65 -2.66 3.85
C THR B 217 6.92 -2.84 2.54
N ILE B 218 6.96 -1.80 1.69
CA ILE B 218 6.49 -1.93 0.32
C ILE B 218 7.44 -2.82 -0.45
N ARG B 219 6.90 -3.82 -1.14
CA ARG B 219 7.73 -4.79 -1.87
C ARG B 219 7.04 -5.18 -3.16
N SER B 220 7.73 -4.95 -4.28
CA SER B 220 7.39 -5.54 -5.57
C SER B 220 8.55 -6.43 -6.00
N GLY B 221 8.22 -7.56 -6.61
CA GLY B 221 9.25 -8.50 -7.02
C GLY B 221 9.98 -9.13 -5.85
N ALA B 222 9.30 -9.29 -4.72
CA ALA B 222 9.89 -9.98 -3.58
C ALA B 222 9.78 -11.47 -3.80
N GLY B 223 10.50 -12.24 -2.91
CA GLY B 223 10.33 -13.67 -2.85
C GLY B 223 9.38 -13.98 -1.72
N VAL B 224 8.27 -14.64 -2.04
CA VAL B 224 7.24 -14.92 -1.05
C VAL B 224 7.02 -16.43 -0.98
N CYS B 225 7.07 -16.97 0.24
CA CYS B 225 6.94 -18.40 0.46
C CYS B 225 6.31 -18.61 1.81
N VAL B 226 6.07 -19.87 2.15
CA VAL B 226 5.57 -20.27 3.46
C VAL B 226 6.57 -21.23 4.09
N LEU B 227 7.08 -20.87 5.23
CA LEU B 227 7.99 -21.72 5.89
C LEU B 227 7.31 -22.00 7.18
N HIS B 228 7.15 -23.28 7.47
CA HIS B 228 6.48 -23.71 8.67
C HIS B 228 5.11 -23.06 8.70
N ASN B 229 4.81 -22.19 9.65
CA ASN B 229 3.48 -21.62 9.58
C ASN B 229 3.44 -20.11 9.45
N CYS B 230 4.44 -19.57 8.79
CA CYS B 230 4.47 -18.13 8.59
C CYS B 230 4.67 -17.82 7.12
N ILE B 231 4.10 -16.70 6.69
CA ILE B 231 4.30 -16.24 5.31
C ILE B 231 5.53 -15.35 5.31
N TYR B 232 6.54 -15.71 4.54
CA TYR B 232 7.75 -14.92 4.44
C TYR B 232 7.75 -14.12 3.15
N ALA B 233 8.14 -12.86 3.28
CA ALA B 233 8.35 -11.95 2.16
C ALA B 233 9.76 -11.42 2.31
N ALA B 234 10.61 -11.71 1.32
CA ALA B 234 12.03 -11.44 1.41
C ALA B 234 12.46 -10.58 0.23
N GLY B 235 13.17 -9.49 0.52
CA GLY B 235 13.70 -8.65 -0.52
C GLY B 235 12.59 -7.94 -1.29
N GLY B 236 12.87 -7.70 -2.56
CA GLY B 236 11.99 -6.94 -3.43
C GLY B 236 12.50 -5.54 -3.68
N TYR B 237 11.64 -4.75 -4.31
CA TYR B 237 11.94 -3.40 -4.72
C TYR B 237 10.79 -2.50 -4.31
N ASP B 238 11.10 -1.34 -3.74
CA ASP B 238 10.08 -0.44 -3.21
C ASP B 238 9.94 0.85 -4.02
N GLY B 239 10.53 0.92 -5.21
CA GLY B 239 10.54 2.15 -5.97
C GLY B 239 11.78 3.00 -5.78
N GLN B 240 12.62 2.68 -4.81
CA GLN B 240 13.86 3.41 -4.61
C GLN B 240 15.05 2.47 -4.55
N ASP B 241 14.92 1.40 -3.75
CA ASP B 241 16.02 0.49 -3.49
C ASP B 241 15.57 -0.96 -3.57
N GLN B 242 16.50 -1.83 -3.97
CA GLN B 242 16.33 -3.24 -3.67
C GLN B 242 16.47 -3.47 -2.17
N LEU B 243 15.75 -4.46 -1.67
CA LEU B 243 15.66 -4.70 -0.23
C LEU B 243 16.38 -5.99 0.13
N ASN B 244 17.02 -5.99 1.30
CA ASN B 244 17.49 -7.23 1.89
C ASN B 244 16.70 -7.64 3.12
N SER B 245 15.78 -6.80 3.58
CA SER B 245 14.97 -7.13 4.75
C SER B 245 14.00 -8.26 4.41
N VAL B 246 13.63 -9.02 5.44
CA VAL B 246 12.72 -10.14 5.34
C VAL B 246 11.74 -10.04 6.48
N GLU B 247 10.45 -10.20 6.19
CA GLU B 247 9.46 -10.18 7.26
C GLU B 247 8.49 -11.32 7.05
N ARG B 248 7.76 -11.65 8.11
CA ARG B 248 6.92 -12.83 8.11
C ARG B 248 5.61 -12.56 8.83
N TYR B 249 4.55 -13.12 8.29
CA TYR B 249 3.19 -12.93 8.74
C TYR B 249 2.77 -14.13 9.57
N ASP B 250 2.27 -13.85 10.77
CA ASP B 250 1.65 -14.82 11.67
C ASP B 250 0.15 -14.62 11.60
N VAL B 251 -0.57 -15.65 11.16
CA VAL B 251 -2.01 -15.57 10.93
C VAL B 251 -2.79 -15.38 12.22
N ALA B 252 -2.41 -16.10 13.28
CA ALA B 252 -3.19 -16.04 14.51
C ALA B 252 -3.19 -14.64 15.12
N THR B 253 -2.04 -13.97 15.10
CA THR B 253 -1.95 -12.61 15.63
C THR B 253 -2.11 -11.55 14.54
N ALA B 254 -2.36 -11.95 13.30
CA ALA B 254 -2.40 -11.07 12.14
C ALA B 254 -1.28 -10.03 12.18
N THR B 255 -0.05 -10.52 12.34
CA THR B 255 1.05 -9.58 12.56
C THR B 255 2.23 -9.91 11.66
N TRP B 256 2.84 -8.86 11.08
CA TRP B 256 4.08 -8.97 10.33
C TRP B 256 5.25 -8.59 11.24
N THR B 257 6.28 -9.43 11.28
CA THR B 257 7.46 -9.18 12.10
C THR B 257 8.73 -9.29 11.28
N PHE B 258 9.67 -8.39 11.55
CA PHE B 258 10.95 -8.38 10.84
C PHE B 258 11.89 -9.46 11.38
N VAL B 259 12.54 -10.17 10.46
CA VAL B 259 13.47 -11.22 10.85
C VAL B 259 14.88 -10.93 10.32
N ALA B 260 15.73 -11.94 10.32
CA ALA B 260 17.10 -11.79 9.84
C ALA B 260 17.13 -11.41 8.37
N PRO B 261 17.69 -10.23 8.06
CA PRO B 261 17.79 -9.73 6.68
C PRO B 261 18.85 -10.50 5.90
N MET B 262 18.77 -10.45 4.57
CA MET B 262 19.74 -11.15 3.74
C MET B 262 21.03 -10.34 3.66
N LYS B 263 22.09 -11.01 3.20
CA LYS B 263 23.33 -10.29 2.95
C LYS B 263 23.21 -9.36 1.75
N HIS B 264 22.56 -9.82 0.68
CA HIS B 264 22.51 -9.07 -0.58
C HIS B 264 21.07 -8.69 -0.89
N ARG B 265 20.83 -7.39 -1.06
CA ARG B 265 19.55 -6.89 -1.55
C ARG B 265 19.26 -7.45 -2.93
N ARG B 266 17.98 -7.78 -3.18
CA ARG B 266 17.61 -8.40 -4.44
C ARG B 266 16.11 -8.28 -4.67
N SER B 267 15.75 -7.98 -5.92
CA SER B 267 14.39 -8.06 -6.42
C SER B 267 14.34 -9.04 -7.57
N ALA B 268 13.13 -9.54 -7.87
CA ALA B 268 12.92 -10.50 -8.96
C ALA B 268 13.69 -11.80 -8.71
N LEU B 269 13.70 -12.24 -7.46
CA LEU B 269 14.41 -13.44 -7.06
C LEU B 269 13.49 -14.66 -7.11
N GLY B 270 14.11 -15.83 -7.25
CA GLY B 270 13.40 -17.06 -7.02
C GLY B 270 13.48 -17.42 -5.54
N ILE B 271 12.49 -18.16 -5.06
CA ILE B 271 12.44 -18.53 -3.66
C ILE B 271 11.72 -19.86 -3.53
N THR B 272 12.16 -20.67 -2.56
CA THR B 272 11.47 -21.91 -2.27
C THR B 272 11.90 -22.41 -0.90
N VAL B 273 11.20 -23.45 -0.44
CA VAL B 273 11.48 -24.09 0.84
C VAL B 273 11.99 -25.50 0.57
N HIS B 274 13.15 -25.81 1.17
CA HIS B 274 13.87 -27.08 1.07
C HIS B 274 14.10 -27.61 2.48
N GLN B 275 13.51 -28.73 2.81
CA GLN B 275 13.77 -29.38 4.11
C GLN B 275 13.91 -28.33 5.24
N GLY B 276 12.84 -27.55 5.40
CA GLY B 276 12.73 -26.62 6.51
C GLY B 276 13.64 -25.42 6.47
N ARG B 277 14.26 -25.12 5.32
CA ARG B 277 15.07 -23.92 5.15
C ARG B 277 14.61 -23.17 3.90
N ILE B 278 14.87 -21.87 3.87
CA ILE B 278 14.47 -20.99 2.79
C ILE B 278 15.65 -20.81 1.84
N TYR B 279 15.41 -20.96 0.54
CA TYR B 279 16.44 -20.71 -0.46
C TYR B 279 15.96 -19.60 -1.38
N VAL B 280 16.82 -18.59 -1.55
CA VAL B 280 16.57 -17.51 -2.50
C VAL B 280 17.68 -17.54 -3.55
N LEU B 281 17.27 -17.45 -4.81
CA LEU B 281 18.13 -17.70 -5.96
C LEU B 281 18.11 -16.48 -6.88
N GLY B 282 19.27 -15.90 -7.12
CA GLY B 282 19.44 -14.88 -8.15
C GLY B 282 18.73 -13.59 -7.83
N GLY B 283 18.32 -12.90 -8.88
CA GLY B 283 17.66 -11.62 -8.77
C GLY B 283 18.50 -10.49 -9.32
N TYR B 284 18.04 -9.28 -9.04
CA TYR B 284 18.64 -8.06 -9.55
C TYR B 284 18.76 -7.06 -8.41
N ASP B 285 19.89 -6.36 -8.33
CA ASP B 285 20.13 -5.41 -7.25
C ASP B 285 20.33 -3.99 -7.75
N GLY B 286 19.85 -3.68 -8.95
CA GLY B 286 20.10 -2.37 -9.53
C GLY B 286 21.41 -2.24 -10.26
N HIS B 287 22.32 -3.20 -10.14
CA HIS B 287 23.62 -3.11 -10.79
C HIS B 287 23.96 -4.36 -11.59
N THR B 288 23.78 -5.52 -10.97
CA THR B 288 24.20 -6.79 -11.56
C THR B 288 23.11 -7.83 -11.40
N PHE B 289 23.15 -8.85 -12.25
CA PHE B 289 22.27 -9.99 -12.16
C PHE B 289 22.94 -11.05 -11.28
N LEU B 290 22.31 -11.34 -10.15
CA LEU B 290 22.95 -12.12 -9.10
C LEU B 290 23.00 -13.60 -9.45
N ASP B 291 24.12 -14.23 -9.11
CA ASP B 291 24.22 -15.68 -9.06
C ASP B 291 24.22 -16.18 -7.63
N SER B 292 24.27 -15.28 -6.66
CA SER B 292 24.18 -15.63 -5.25
C SER B 292 22.92 -16.44 -4.96
N VAL B 293 23.07 -17.51 -4.17
CA VAL B 293 21.95 -18.21 -3.57
C VAL B 293 22.14 -18.17 -2.07
N GLU B 294 21.29 -17.45 -1.32
CA GLU B 294 21.40 -17.32 0.16
C GLU B 294 20.53 -18.35 0.79
N CYS B 295 20.80 -18.71 2.04
CA CYS B 295 20.05 -19.75 2.70
C CYS B 295 19.63 -19.43 4.13
N TYR B 296 18.35 -19.53 4.42
CA TYR B 296 17.87 -19.11 5.74
C TYR B 296 17.57 -20.20 6.67
N ASP B 297 18.17 -20.13 7.85
CA ASP B 297 17.88 -21.10 8.90
C ASP B 297 17.16 -20.37 9.99
N PRO B 298 15.89 -20.70 10.13
CA PRO B 298 14.89 -20.19 11.03
C PRO B 298 15.37 -20.35 12.44
N ASP B 299 15.85 -21.55 12.81
CA ASP B 299 16.35 -21.78 14.14
C ASP B 299 17.43 -20.89 14.59
N THR B 300 18.31 -20.47 13.72
CA THR B 300 19.32 -19.57 14.15
C THR B 300 19.18 -18.15 13.66
N ASP B 301 18.26 -17.87 12.70
CA ASP B 301 18.05 -16.58 12.06
C ASP B 301 19.30 -16.03 11.30
N THR B 302 19.82 -16.69 10.23
CA THR B 302 21.04 -16.30 9.41
C THR B 302 21.16 -16.81 7.88
N TRP B 303 22.20 -16.40 7.03
CA TRP B 303 22.48 -16.77 5.53
C TRP B 303 23.97 -17.08 4.74
N SER B 304 24.07 -17.35 3.38
CA SER B 304 25.38 -17.63 2.49
C SER B 304 25.55 -17.35 0.87
N GLU B 305 26.70 -17.63 0.20
CA GLU B 305 26.65 -17.88 -1.26
C GLU B 305 26.90 -19.35 -1.59
N VAL B 306 25.98 -20.24 -1.22
CA VAL B 306 26.05 -21.69 -1.46
C VAL B 306 26.39 -22.04 -2.91
N THR B 307 26.18 -21.13 -3.84
CA THR B 307 26.42 -21.47 -5.21
C THR B 307 26.58 -20.18 -5.95
N ARG B 308 26.57 -20.28 -7.23
CA ARG B 308 26.66 -19.14 -8.03
C ARG B 308 25.83 -19.52 -9.25
N MET B 309 24.69 -20.21 -9.03
CA MET B 309 23.70 -20.71 -10.01
C MET B 309 24.05 -21.47 -11.31
N THR B 310 25.13 -21.02 -11.92
CA THR B 310 25.92 -21.28 -13.12
C THR B 310 26.14 -19.89 -13.69
N SER B 311 25.11 -19.02 -13.62
CA SER B 311 25.19 -17.64 -14.10
C SER B 311 24.21 -16.64 -13.47
N GLY B 312 24.57 -15.37 -13.43
CA GLY B 312 23.73 -14.28 -12.95
C GLY B 312 22.40 -14.30 -13.66
N ARG B 313 21.31 -14.04 -12.96
CA ARG B 313 19.98 -14.26 -13.52
C ARG B 313 18.91 -13.68 -12.62
N SER B 314 17.88 -13.07 -13.22
CA SER B 314 16.73 -12.57 -12.49
C SER B 314 15.45 -13.18 -13.05
N GLY B 315 14.37 -13.06 -12.27
CA GLY B 315 13.04 -13.45 -12.69
C GLY B 315 12.83 -14.91 -13.04
N VAL B 316 13.39 -15.82 -12.23
CA VAL B 316 13.26 -17.24 -12.47
C VAL B 316 11.97 -17.77 -11.84
N GLY B 317 11.56 -18.96 -12.27
CA GLY B 317 10.56 -19.72 -11.54
C GLY B 317 11.20 -20.89 -10.83
N VAL B 318 11.07 -20.97 -9.51
CA VAL B 318 11.71 -22.00 -8.70
C VAL B 318 10.64 -22.87 -8.05
N ALA B 319 10.91 -24.17 -7.93
CA ALA B 319 10.06 -25.11 -7.21
C ALA B 319 10.90 -26.33 -6.85
N VAL B 320 10.30 -27.25 -6.10
CA VAL B 320 11.04 -28.38 -5.52
C VAL B 320 10.36 -29.71 -5.86
N THR B 321 11.15 -30.66 -6.35
CA THR B 321 10.78 -32.08 -6.38
C THR B 321 12.01 -32.96 -6.52
N GLY C 2 17.42 -0.30 -18.22
CA GLY C 2 16.89 -1.45 -17.51
C GLY C 2 15.68 -1.15 -16.64
N ASP C 3 14.76 -2.11 -16.58
CA ASP C 3 13.71 -2.09 -15.57
C ASP C 3 14.38 -2.09 -14.20
N PRO C 4 14.07 -1.13 -13.32
CA PRO C 4 14.79 -1.05 -12.04
C PRO C 4 14.52 -2.22 -11.11
N GLU C 5 13.46 -2.98 -11.35
CA GLU C 5 13.06 -4.09 -10.49
C GLU C 5 13.56 -5.43 -10.99
N THR C 6 13.44 -5.70 -12.29
CA THR C 6 13.84 -6.98 -12.86
C THR C 6 15.15 -6.91 -13.65
N GLY C 7 15.61 -5.71 -14.01
CA GLY C 7 16.79 -5.57 -14.84
C GLY C 7 16.57 -5.79 -16.32
N GLU C 8 15.37 -6.18 -16.74
CA GLU C 8 15.11 -6.50 -18.15
C GLU C 8 15.06 -5.25 -19.03
#